data_2QYT
#
_entry.id   2QYT
#
_cell.length_a   79.577
_cell.length_b   79.577
_cell.length_c   98.260
_cell.angle_alpha   90.00
_cell.angle_beta   90.00
_cell.angle_gamma   90.00
#
_symmetry.space_group_name_H-M   'P 41 21 2'
#
loop_
_entity.id
_entity.type
_entity.pdbx_description
1 polymer '2-dehydropantoate 2-reductase'
2 non-polymer 'SULFATE ION'
3 non-polymer 1,2-ETHANEDIOL
4 water water
#
_entity_poly.entity_id   1
_entity_poly.type   'polypeptide(L)'
_entity_poly.pdbx_seq_one_letter_code
;SNA(MSE)NQQPIKIAVFGLGGVGGYYGA(MSE)LALRAAATDGLLEVSWIARGAHLEAIRAAGGLRVVTPSRDFLARPT
CVTDNPAEVGTVDYILFCTKDYD(MSE)ERGVAEIRP(MSE)IGQNTKILPLLNGADIAER(MSE)RTYLPDTVVWKGCV
YISARKSAPGLITLEADRELFYFGSGLPEQTDDEVRLAELLTAAGIRAYNPTDIDWYI(MSE)KKF(MSE)(MSE)ISVT
ATATAYFDKPIGSILTEHEPELLSLLEEVAELFRAKYGQVPDDVVQQLLDKQRK(MSE)PPESTSS(MSE)HSDFLQGGS
TEVETLTGYVVREAEALRVDLP(MSE)YKR(MSE)YRELVSRTAN
;
_entity_poly.pdbx_strand_id   A
#
# COMPACT_ATOMS: atom_id res chain seq x y z
N GLN A 7 -28.91 0.83 -1.28
CA GLN A 7 -28.18 1.43 -0.08
C GLN A 7 -26.76 1.82 -0.47
N PRO A 8 -26.24 2.96 0.08
CA PRO A 8 -24.95 3.41 -0.36
C PRO A 8 -23.80 2.49 0.11
N ILE A 9 -22.81 2.32 -0.76
CA ILE A 9 -21.58 1.66 -0.36
C ILE A 9 -20.74 2.69 0.38
N LYS A 10 -20.04 2.28 1.42
CA LYS A 10 -19.35 3.18 2.34
C LYS A 10 -17.89 2.73 2.37
N ILE A 11 -16.99 3.64 1.98
CA ILE A 11 -15.55 3.41 2.04
C ILE A 11 -14.88 4.43 2.95
N ALA A 12 -14.00 3.99 3.83
CA ALA A 12 -13.18 4.90 4.61
C ALA A 12 -11.70 4.80 4.23
N VAL A 13 -11.01 5.94 4.28
CA VAL A 13 -9.58 5.97 4.05
C VAL A 13 -8.92 6.38 5.34
N PHE A 14 -8.10 5.49 5.91
CA PHE A 14 -7.41 5.73 7.15
C PHE A 14 -5.94 6.08 6.85
N GLY A 15 -5.62 7.36 6.97
CA GLY A 15 -4.28 7.90 6.68
C GLY A 15 -4.44 8.57 5.33
N LEU A 16 -4.27 9.88 5.27
CA LEU A 16 -4.38 10.59 3.99
C LEU A 16 -3.04 11.15 3.47
N GLY A 17 -2.03 10.31 3.38
CA GLY A 17 -0.77 10.77 2.79
C GLY A 17 -0.90 10.55 1.28
N GLY A 18 0.23 10.35 0.60
CA GLY A 18 0.18 10.24 -0.85
C GLY A 18 -0.77 9.16 -1.35
N VAL A 19 -0.69 7.99 -0.72
CA VAL A 19 -1.46 6.81 -1.18
C VAL A 19 -2.94 6.94 -0.76
N GLY A 20 -3.20 7.16 0.52
CA GLY A 20 -4.62 7.31 0.94
C GLY A 20 -5.26 8.56 0.36
N GLY A 21 -4.49 9.64 0.25
CA GLY A 21 -5.05 10.88 -0.24
C GLY A 21 -5.38 10.82 -1.71
N TYR A 22 -4.46 10.26 -2.51
CA TYR A 22 -4.77 10.03 -3.88
C TYR A 22 -5.95 9.08 -4.13
N TYR A 23 -5.96 7.89 -3.52
CA TYR A 23 -7.11 6.97 -3.80
C TYR A 23 -8.38 7.45 -3.14
N GLY A 24 -8.25 8.06 -1.97
CA GLY A 24 -9.42 8.71 -1.34
C GLY A 24 -10.00 9.85 -2.17
N ALA A 25 -9.12 10.66 -2.79
CA ALA A 25 -9.58 11.74 -3.66
C ALA A 25 -10.34 11.20 -4.89
N LEU A 27 -11.84 8.32 -5.24
CA LEU A 27 -13.15 7.81 -4.76
C LEU A 27 -14.13 8.92 -4.45
N ALA A 28 -13.70 9.96 -3.73
CA ALA A 28 -14.60 11.09 -3.42
C ALA A 28 -15.14 11.81 -4.66
N LEU A 29 -14.34 11.89 -5.72
CA LEU A 29 -14.82 12.49 -6.99
C LEU A 29 -15.98 11.73 -7.56
N ARG A 30 -15.85 10.42 -7.56
CA ARG A 30 -16.88 9.54 -8.03
C ARG A 30 -18.11 9.58 -7.14
N ALA A 31 -17.91 9.68 -5.83
CA ALA A 31 -19.05 9.75 -4.91
C ALA A 31 -19.85 11.06 -5.10
N ALA A 32 -19.18 12.09 -5.59
CA ALA A 32 -19.81 13.38 -5.72
C ALA A 32 -20.61 13.38 -7.03
N ALA A 33 -20.08 12.67 -8.03
CA ALA A 33 -20.68 12.62 -9.36
C ALA A 33 -21.86 11.65 -9.40
N THR A 34 -22.04 10.90 -8.33
CA THR A 34 -23.12 9.97 -8.28
C THR A 34 -24.13 10.42 -7.20
N ASP A 35 -25.33 9.86 -7.20
CA ASP A 35 -26.35 10.43 -6.32
C ASP A 35 -26.50 9.56 -5.08
N GLY A 36 -25.57 9.72 -4.12
CA GLY A 36 -25.58 8.90 -2.92
C GLY A 36 -25.51 7.38 -3.09
N LEU A 37 -24.79 6.92 -4.12
CA LEU A 37 -24.50 5.51 -4.28
C LEU A 37 -23.22 5.19 -3.53
N LEU A 38 -22.46 6.22 -3.20
CA LEU A 38 -21.18 6.01 -2.60
C LEU A 38 -20.92 7.08 -1.56
N GLU A 39 -20.52 6.68 -0.35
CA GLU A 39 -20.09 7.60 0.70
C GLU A 39 -18.60 7.36 0.95
N VAL A 40 -17.79 8.42 0.91
CA VAL A 40 -16.36 8.32 1.10
C VAL A 40 -15.93 9.18 2.30
N SER A 41 -15.33 8.53 3.29
CA SER A 41 -14.84 9.23 4.48
C SER A 41 -13.34 9.12 4.56
N TRP A 42 -12.74 10.12 5.19
CA TRP A 42 -11.30 10.23 5.35
C TRP A 42 -10.94 10.43 6.79
N ILE A 43 -9.91 9.73 7.24
CA ILE A 43 -9.40 9.98 8.57
C ILE A 43 -8.07 10.67 8.41
N ALA A 44 -7.97 11.91 8.85
CA ALA A 44 -6.76 12.70 8.68
C ALA A 44 -6.63 13.44 9.96
N ARG A 45 -5.47 14.02 10.24
CA ARG A 45 -5.32 14.75 11.49
C ARG A 45 -4.54 16.02 11.38
N GLY A 46 -4.59 16.79 12.48
CA GLY A 46 -3.81 18.02 12.63
C GLY A 46 -4.03 19.08 11.57
N ALA A 47 -2.92 19.65 11.11
CA ALA A 47 -2.89 20.67 10.04
C ALA A 47 -3.43 20.18 8.74
N HIS A 48 -3.11 18.93 8.41
CA HIS A 48 -3.65 18.31 7.21
C HIS A 48 -5.19 18.31 7.30
N LEU A 49 -5.73 17.70 8.34
CA LEU A 49 -7.17 17.78 8.64
C LEU A 49 -7.70 19.21 8.59
N GLU A 50 -7.04 20.14 9.27
CA GLU A 50 -7.55 21.53 9.28
C GLU A 50 -7.56 22.23 7.91
N ALA A 51 -6.51 22.00 7.09
CA ALA A 51 -6.43 22.60 5.76
C ALA A 51 -7.50 22.02 4.82
N ILE A 52 -7.74 20.72 4.93
CA ILE A 52 -8.81 20.04 4.17
C ILE A 52 -10.15 20.66 4.53
N ARG A 53 -10.43 20.85 5.83
CA ARG A 53 -11.75 21.39 6.21
C ARG A 53 -11.92 22.82 5.70
N ALA A 54 -10.84 23.60 5.75
CA ALA A 54 -10.89 24.99 5.30
C ALA A 54 -11.07 25.12 3.77
N ALA A 55 -10.40 24.25 3.02
CA ALA A 55 -10.55 24.25 1.56
C ALA A 55 -11.87 23.58 1.16
N GLY A 56 -12.53 22.93 2.10
CA GLY A 56 -13.64 22.03 1.76
C GLY A 56 -13.21 20.82 0.91
N GLY A 57 -11.93 20.45 0.92
CA GLY A 57 -11.57 19.23 0.23
C GLY A 57 -10.09 19.00 0.21
N LEU A 58 -9.67 17.88 -0.37
CA LEU A 58 -8.27 17.56 -0.52
C LEU A 58 -7.85 17.89 -1.95
N ARG A 59 -6.77 18.67 -2.07
CA ARG A 59 -6.19 19.02 -3.36
C ARG A 59 -5.14 18.02 -3.87
N VAL A 60 -5.22 17.69 -5.17
CA VAL A 60 -4.28 16.76 -5.79
C VAL A 60 -3.73 17.41 -7.09
N VAL A 61 -2.42 17.49 -7.16
CA VAL A 61 -1.71 18.00 -8.34
C VAL A 61 -0.82 16.91 -8.94
N THR A 62 -0.83 16.81 -10.27
CA THR A 62 -0.05 15.81 -10.96
C THR A 62 0.54 16.56 -12.15
N PRO A 63 1.34 15.89 -12.98
CA PRO A 63 1.76 16.63 -14.15
C PRO A 63 0.62 17.22 -15.02
N SER A 64 -0.50 16.50 -15.12
CA SER A 64 -1.57 16.86 -16.06
C SER A 64 -2.85 17.26 -15.37
N ARG A 65 -2.94 17.11 -14.04
CA ARG A 65 -4.18 17.38 -13.32
C ARG A 65 -4.01 18.31 -12.12
N ASP A 66 -5.06 19.03 -11.76
CA ASP A 66 -5.04 19.85 -10.56
C ASP A 66 -6.47 19.91 -10.12
N PHE A 67 -6.81 19.17 -9.07
CA PHE A 67 -8.20 19.06 -8.66
C PHE A 67 -8.47 19.11 -7.14
N LEU A 68 -9.70 19.47 -6.76
CA LEU A 68 -10.10 19.44 -5.38
C LEU A 68 -11.24 18.42 -5.16
N ALA A 69 -10.97 17.36 -4.38
CA ALA A 69 -11.91 16.29 -4.14
C ALA A 69 -12.59 16.58 -2.80
N ARG A 70 -13.92 16.46 -2.77
CA ARG A 70 -14.66 16.76 -1.57
CA ARG A 70 -14.71 16.77 -1.57
C ARG A 70 -15.26 15.47 -1.00
N PRO A 71 -14.88 15.13 0.24
CA PRO A 71 -15.36 13.85 0.78
C PRO A 71 -16.76 13.98 1.39
N THR A 72 -17.41 12.86 1.64
CA THR A 72 -18.67 12.85 2.40
C THR A 72 -18.33 13.29 3.80
N CYS A 73 -17.21 12.81 4.31
CA CYS A 73 -16.90 13.09 5.70
C CYS A 73 -15.40 13.07 5.83
N VAL A 74 -14.85 14.02 6.59
CA VAL A 74 -13.44 14.01 6.92
C VAL A 74 -13.31 14.40 8.40
N THR A 75 -12.47 13.65 9.12
CA THR A 75 -12.40 13.79 10.57
C THR A 75 -11.12 13.14 11.09
N ASP A 76 -10.71 13.42 12.34
CA ASP A 76 -9.63 12.66 13.00
C ASP A 76 -10.19 11.55 13.87
N ASN A 77 -11.51 11.37 13.87
CA ASN A 77 -12.17 10.41 14.77
C ASN A 77 -12.98 9.30 14.07
N PRO A 78 -12.42 8.09 13.92
CA PRO A 78 -13.20 7.01 13.27
C PRO A 78 -14.57 6.68 13.81
N ALA A 79 -14.83 6.96 15.07
CA ALA A 79 -16.13 6.67 15.64
C ALA A 79 -17.22 7.59 15.06
N GLU A 80 -16.79 8.77 14.59
CA GLU A 80 -17.71 9.68 13.90
C GLU A 80 -18.11 9.14 12.51
N VAL A 81 -17.22 8.36 11.89
CA VAL A 81 -17.55 7.70 10.64
C VAL A 81 -18.56 6.52 10.85
N GLY A 82 -18.35 5.65 11.84
CA GLY A 82 -19.24 4.49 12.00
C GLY A 82 -18.83 3.38 11.05
N THR A 83 -19.56 2.28 11.08
CA THR A 83 -19.12 1.12 10.30
C THR A 83 -19.21 1.40 8.80
N VAL A 84 -18.32 0.78 8.01
CA VAL A 84 -18.28 0.98 6.56
C VAL A 84 -18.13 -0.37 5.84
N ASP A 85 -18.17 -0.34 4.51
CA ASP A 85 -17.96 -1.57 3.75
C ASP A 85 -16.46 -1.92 3.50
N TYR A 86 -15.65 -0.89 3.30
CA TYR A 86 -14.22 -1.02 2.95
C TYR A 86 -13.46 0.01 3.73
N ILE A 87 -12.41 -0.45 4.39
CA ILE A 87 -11.41 0.42 4.93
C ILE A 87 -10.12 0.23 4.14
N LEU A 88 -9.66 1.33 3.56
CA LEU A 88 -8.32 1.41 2.93
C LEU A 88 -7.37 1.93 4.01
N PHE A 89 -6.45 1.06 4.42
CA PHE A 89 -5.60 1.32 5.57
C PHE A 89 -4.28 1.81 4.97
N CYS A 90 -3.98 3.08 5.19
CA CYS A 90 -2.93 3.80 4.49
C CYS A 90 -2.05 4.63 5.43
N THR A 91 -1.94 4.23 6.68
CA THR A 91 -1.07 4.99 7.58
C THR A 91 0.24 4.22 7.79
N LYS A 92 1.36 4.91 7.86
CA LYS A 92 2.59 4.25 8.33
C LYS A 92 2.87 4.56 9.79
N ASP A 93 1.94 5.27 10.42
CA ASP A 93 2.20 5.93 11.71
C ASP A 93 2.02 5.03 12.94
N TYR A 94 1.09 4.07 12.89
CA TYR A 94 0.90 3.22 14.10
C TYR A 94 1.53 1.81 14.00
N ASP A 95 2.02 1.28 15.14
CA ASP A 95 2.18 -0.17 15.29
C ASP A 95 0.85 -0.86 14.96
N GLU A 97 -1.02 -3.10 16.49
CA GLU A 97 -1.91 -3.20 17.64
C GLU A 97 -2.75 -1.94 17.73
N ARG A 98 -2.07 -0.80 17.69
CA ARG A 98 -2.71 0.50 17.77
C ARG A 98 -3.56 0.83 16.56
N GLY A 99 -3.06 0.57 15.35
CA GLY A 99 -3.85 0.77 14.13
C GLY A 99 -5.17 -0.02 14.15
N VAL A 100 -5.14 -1.26 14.61
CA VAL A 100 -6.38 -2.06 14.66
C VAL A 100 -7.34 -1.42 15.71
N ALA A 101 -6.85 -1.12 16.91
CA ALA A 101 -7.68 -0.45 17.94
C ALA A 101 -8.41 0.82 17.43
N GLU A 102 -7.70 1.64 16.65
CA GLU A 102 -8.21 2.92 16.15
C GLU A 102 -9.21 2.80 15.04
N ILE A 103 -9.11 1.77 14.21
CA ILE A 103 -10.09 1.59 13.16
C ILE A 103 -11.32 0.74 13.58
N ARG A 104 -11.24 0.05 14.73
CA ARG A 104 -12.36 -0.81 15.17
C ARG A 104 -13.76 -0.15 15.12
N PRO A 105 -13.90 1.13 15.54
CA PRO A 105 -15.23 1.74 15.38
C PRO A 105 -15.76 1.77 13.94
N ILE A 107 -15.43 -0.95 11.92
CA ILE A 107 -15.53 -2.32 11.46
C ILE A 107 -16.88 -2.84 11.86
N GLY A 108 -17.67 -3.24 10.88
CA GLY A 108 -18.94 -3.88 11.21
C GLY A 108 -18.90 -5.24 10.54
N GLN A 109 -20.11 -5.77 10.28
CA GLN A 109 -20.39 -7.10 9.70
C GLN A 109 -19.74 -7.30 8.37
N ASN A 110 -19.99 -6.38 7.46
CA ASN A 110 -19.53 -6.53 6.09
C ASN A 110 -18.12 -6.04 5.81
N THR A 111 -17.46 -5.46 6.80
CA THR A 111 -16.26 -4.65 6.54
C THR A 111 -15.10 -5.48 6.05
N LYS A 112 -14.45 -4.97 5.01
CA LYS A 112 -13.20 -5.54 4.47
C LYS A 112 -12.12 -4.46 4.54
N ILE A 113 -10.94 -4.84 5.00
CA ILE A 113 -9.86 -3.94 5.22
C ILE A 113 -8.78 -4.30 4.23
N LEU A 114 -8.28 -3.25 3.56
CA LEU A 114 -7.19 -3.31 2.58
C LEU A 114 -5.97 -2.50 3.06
N PRO A 115 -4.93 -3.18 3.57
CA PRO A 115 -3.72 -2.44 3.84
C PRO A 115 -2.98 -2.21 2.52
N LEU A 116 -2.66 -0.96 2.23
CA LEU A 116 -1.94 -0.66 0.98
C LEU A 116 -0.45 -0.34 1.20
N LEU A 117 0.02 -0.55 2.42
CA LEU A 117 1.37 -0.24 2.90
C LEU A 117 2.41 -1.25 2.37
N ASN A 118 3.67 -0.82 2.31
CA ASN A 118 4.77 -1.70 1.94
C ASN A 118 5.07 -2.64 3.09
N GLY A 119 5.61 -3.80 2.78
CA GLY A 119 5.93 -4.79 3.81
C GLY A 119 5.56 -6.15 3.26
N ALA A 120 6.18 -7.19 3.81
CA ALA A 120 6.00 -8.55 3.33
C ALA A 120 4.69 -9.19 3.81
N ASP A 121 4.22 -8.75 4.97
CA ASP A 121 3.24 -9.52 5.72
C ASP A 121 2.27 -8.67 6.51
N ILE A 122 1.92 -7.50 5.98
CA ILE A 122 1.04 -6.56 6.66
C ILE A 122 -0.34 -7.19 6.92
N ALA A 123 -0.88 -7.88 5.89
CA ALA A 123 -2.18 -8.54 6.02
C ALA A 123 -2.17 -9.66 7.08
N GLU A 124 -1.11 -10.45 7.11
CA GLU A 124 -0.98 -11.46 8.12
C GLU A 124 -1.00 -10.86 9.53
N ARG A 125 -0.23 -9.79 9.69
CA ARG A 125 -0.11 -9.07 10.95
C ARG A 125 -1.50 -8.59 11.41
N ARG A 127 -4.35 -9.60 10.45
CA ARG A 127 -5.22 -10.74 10.72
C ARG A 127 -5.05 -11.40 12.09
N THR A 128 -4.13 -10.86 12.91
CA THR A 128 -3.88 -11.45 14.22
C THR A 128 -5.17 -11.33 15.04
N TYR A 129 -5.77 -10.14 15.06
CA TYR A 129 -6.92 -9.95 15.93
C TYR A 129 -8.26 -9.85 15.22
N LEU A 130 -8.22 -9.90 13.87
CA LEU A 130 -9.43 -9.79 13.04
C LEU A 130 -9.65 -11.08 12.27
N PRO A 131 -10.93 -11.44 11.94
CA PRO A 131 -11.19 -12.63 11.06
C PRO A 131 -10.44 -12.60 9.75
N ASP A 132 -10.01 -13.77 9.23
CA ASP A 132 -9.18 -13.79 7.95
C ASP A 132 -9.94 -13.21 6.83
N THR A 133 -11.25 -13.32 6.98
CA THR A 133 -12.19 -13.00 5.97
C THR A 133 -12.29 -11.47 5.87
N VAL A 134 -11.97 -10.77 6.96
CA VAL A 134 -12.08 -9.29 7.05
C VAL A 134 -10.88 -8.58 6.38
N VAL A 135 -9.71 -9.18 6.43
CA VAL A 135 -8.51 -8.46 5.97
C VAL A 135 -8.11 -9.03 4.61
N TRP A 136 -8.11 -8.19 3.58
CA TRP A 136 -7.59 -8.56 2.27
C TRP A 136 -6.14 -8.07 2.13
N LYS A 137 -5.48 -8.42 1.05
CA LYS A 137 -4.10 -8.02 0.78
C LYS A 137 -4.13 -7.03 -0.37
N GLY A 138 -3.24 -6.06 -0.34
CA GLY A 138 -3.17 -5.10 -1.42
C GLY A 138 -1.78 -4.50 -1.54
N CYS A 139 -1.47 -3.97 -2.73
CA CYS A 139 -0.29 -3.15 -2.90
C CYS A 139 -0.48 -2.19 -4.08
N VAL A 140 0.18 -1.04 -4.00
CA VAL A 140 0.03 0.03 -5.00
C VAL A 140 1.37 0.36 -5.61
N TYR A 141 1.39 0.78 -6.87
CA TYR A 141 2.57 1.38 -7.48
C TYR A 141 2.15 2.79 -7.88
N ILE A 142 2.71 3.76 -7.18
CA ILE A 142 2.27 5.14 -7.31
C ILE A 142 3.32 6.01 -6.67
N SER A 143 3.62 7.15 -7.31
CA SER A 143 4.63 8.09 -6.84
C SER A 143 3.96 9.34 -6.30
N ALA A 144 3.47 9.25 -5.08
CA ALA A 144 2.59 10.26 -4.51
C ALA A 144 3.02 10.58 -3.10
N ARG A 145 2.89 11.85 -2.74
CA ARG A 145 3.48 12.45 -1.54
CA ARG A 145 3.32 12.29 -1.42
C ARG A 145 2.45 13.42 -0.94
N LYS A 146 2.24 13.44 0.37
CA LYS A 146 1.52 14.60 0.92
C LYS A 146 2.57 15.68 0.96
N SER A 147 2.41 16.76 0.16
CA SER A 147 3.51 17.74 0.09
C SER A 147 3.24 19.04 0.87
N ALA A 148 2.01 19.22 1.37
CA ALA A 148 1.65 20.39 2.17
C ALA A 148 0.32 20.05 2.89
N PRO A 149 0.03 20.76 4.02
CA PRO A 149 -1.26 20.51 4.61
C PRO A 149 -2.35 20.62 3.52
N GLY A 150 -3.16 19.59 3.38
CA GLY A 150 -4.24 19.56 2.40
C GLY A 150 -3.87 19.33 0.95
N LEU A 151 -2.63 18.88 0.70
CA LEU A 151 -2.17 18.78 -0.70
C LEU A 151 -1.41 17.49 -0.95
N ILE A 152 -1.83 16.77 -1.97
CA ILE A 152 -1.11 15.62 -2.49
C ILE A 152 -0.49 16.00 -3.84
N THR A 153 0.77 15.61 -4.01
CA THR A 153 1.44 15.77 -5.28
C THR A 153 1.84 14.39 -5.81
N LEU A 154 1.49 14.13 -7.05
CA LEU A 154 2.02 13.00 -7.80
C LEU A 154 3.09 13.46 -8.74
N GLU A 155 4.19 12.74 -8.73
CA GLU A 155 5.23 13.18 -9.60
C GLU A 155 5.03 12.54 -10.97
N ALA A 156 4.12 11.57 -11.05
CA ALA A 156 3.76 11.00 -12.35
C ALA A 156 2.29 10.62 -12.26
N ASP A 157 1.57 10.69 -13.37
CA ASP A 157 0.18 10.28 -13.39
C ASP A 157 -0.11 8.78 -13.19
N ARG A 158 0.79 7.94 -13.66
CA ARG A 158 0.68 6.48 -13.62
CA ARG A 158 0.55 6.51 -13.64
C ARG A 158 0.46 5.95 -12.21
N GLU A 159 -0.47 5.01 -12.06
CA GLU A 159 -0.66 4.25 -10.82
C GLU A 159 -1.27 2.86 -11.08
N LEU A 160 -0.99 1.93 -10.18
CA LEU A 160 -1.50 0.56 -10.22
C LEU A 160 -1.93 0.22 -8.80
N PHE A 161 -3.10 -0.43 -8.65
CA PHE A 161 -3.71 -0.77 -7.39
C PHE A 161 -4.08 -2.23 -7.62
N TYR A 162 -3.43 -3.11 -6.84
CA TYR A 162 -3.77 -4.54 -6.82
C TYR A 162 -4.35 -4.95 -5.49
N PHE A 163 -5.32 -5.84 -5.49
CA PHE A 163 -5.88 -6.28 -4.20
C PHE A 163 -6.52 -7.62 -4.37
N GLY A 164 -6.84 -8.26 -3.25
CA GLY A 164 -7.54 -9.55 -3.29
C GLY A 164 -7.57 -10.25 -1.98
N SER A 165 -8.55 -11.19 -1.86
CA SER A 165 -8.75 -12.05 -0.68
C SER A 165 -7.72 -13.20 -0.55
N GLY A 166 -7.14 -13.61 -1.67
CA GLY A 166 -6.26 -14.75 -1.67
C GLY A 166 -6.99 -16.03 -2.06
N LEU A 167 -8.30 -16.08 -1.78
CA LEU A 167 -9.17 -17.23 -2.07
C LEU A 167 -9.20 -17.61 -3.57
N PRO A 168 -9.54 -18.88 -3.87
CA PRO A 168 -9.45 -19.40 -5.24
C PRO A 168 -10.49 -18.82 -6.21
N GLU A 169 -11.62 -18.35 -5.68
CA GLU A 169 -12.63 -17.70 -6.52
C GLU A 169 -13.01 -16.33 -5.90
N GLN A 170 -13.07 -15.31 -6.76
CA GLN A 170 -13.29 -13.95 -6.30
C GLN A 170 -14.69 -13.84 -5.62
N THR A 171 -14.75 -13.14 -4.49
CA THR A 171 -16.01 -13.03 -3.76
C THR A 171 -16.86 -11.85 -4.29
N ASP A 172 -18.11 -11.79 -3.85
CA ASP A 172 -19.01 -10.71 -4.23
C ASP A 172 -18.49 -9.36 -3.77
N ASP A 173 -18.00 -9.29 -2.52
CA ASP A 173 -17.45 -8.05 -1.96
C ASP A 173 -16.23 -7.62 -2.79
N GLU A 174 -15.46 -8.59 -3.29
CA GLU A 174 -14.25 -8.33 -4.13
C GLU A 174 -14.56 -7.77 -5.51
N VAL A 175 -15.44 -8.47 -6.23
CA VAL A 175 -15.95 -8.01 -7.52
C VAL A 175 -16.59 -6.63 -7.33
N ARG A 176 -17.37 -6.48 -6.27
CA ARG A 176 -17.94 -5.18 -5.98
C ARG A 176 -16.85 -4.12 -5.84
N LEU A 177 -15.82 -4.41 -5.05
CA LEU A 177 -14.77 -3.38 -4.90
C LEU A 177 -14.03 -3.11 -6.23
N ALA A 178 -13.80 -4.15 -7.01
CA ALA A 178 -13.02 -3.99 -8.25
C ALA A 178 -13.77 -3.09 -9.25
N GLU A 179 -15.05 -3.38 -9.50
CA GLU A 179 -15.93 -2.53 -10.32
C GLU A 179 -16.01 -1.10 -9.83
N LEU A 180 -16.09 -0.97 -8.52
CA LEU A 180 -16.19 0.31 -7.90
C LEU A 180 -14.88 1.15 -8.01
N LEU A 181 -13.74 0.50 -7.78
CA LEU A 181 -12.45 1.14 -8.00
C LEU A 181 -12.24 1.56 -9.46
N THR A 182 -12.62 0.73 -10.40
CA THR A 182 -12.34 1.07 -11.80
C THR A 182 -13.36 2.13 -12.34
N ALA A 183 -14.59 2.10 -11.84
CA ALA A 183 -15.55 3.20 -12.06
C ALA A 183 -15.07 4.58 -11.54
N ALA A 184 -14.15 4.56 -10.58
CA ALA A 184 -13.59 5.77 -10.03
C ALA A 184 -12.34 6.11 -10.79
N GLY A 185 -12.02 5.33 -11.80
CA GLY A 185 -10.91 5.68 -12.71
C GLY A 185 -9.56 5.27 -12.14
N ILE A 186 -9.59 4.28 -11.26
CA ILE A 186 -8.35 3.80 -10.61
C ILE A 186 -7.97 2.60 -11.39
N ARG A 187 -6.69 2.37 -11.65
CA ARG A 187 -6.32 1.15 -12.39
C ARG A 187 -6.19 -0.01 -11.43
N ALA A 188 -7.35 -0.60 -11.11
CA ALA A 188 -7.49 -1.64 -10.10
C ALA A 188 -7.48 -2.98 -10.77
N TYR A 189 -6.80 -3.92 -10.14
CA TYR A 189 -6.70 -5.27 -10.64
C TYR A 189 -6.89 -6.16 -9.42
N ASN A 190 -7.60 -7.26 -9.62
CA ASN A 190 -7.97 -8.10 -8.51
C ASN A 190 -7.50 -9.51 -8.81
N PRO A 191 -6.18 -9.74 -8.76
CA PRO A 191 -5.73 -11.03 -9.18
C PRO A 191 -5.96 -12.08 -8.11
N THR A 192 -6.05 -13.31 -8.56
CA THR A 192 -6.22 -14.44 -7.67
C THR A 192 -4.94 -14.76 -6.90
N ASP A 193 -3.80 -14.63 -7.59
CA ASP A 193 -2.47 -14.76 -7.00
C ASP A 193 -2.00 -13.43 -6.42
N ILE A 194 -2.81 -12.87 -5.52
CA ILE A 194 -2.43 -11.60 -4.94
C ILE A 194 -1.12 -11.66 -4.15
N ASP A 195 -0.82 -12.82 -3.54
CA ASP A 195 0.42 -13.03 -2.78
C ASP A 195 1.65 -12.76 -3.64
N TRP A 196 1.57 -13.13 -4.92
CA TRP A 196 2.67 -12.94 -5.85
C TRP A 196 2.98 -11.46 -6.07
N TYR A 197 1.95 -10.64 -6.32
CA TYR A 197 2.11 -9.19 -6.48
C TYR A 197 2.70 -8.54 -5.23
N ILE A 198 2.27 -9.03 -4.08
CA ILE A 198 2.77 -8.57 -2.81
C ILE A 198 4.25 -8.90 -2.55
N LYS A 200 6.37 -9.74 -4.89
CA LYS A 200 7.07 -9.09 -5.99
C LYS A 200 7.40 -7.63 -5.67
N LYS A 201 6.40 -6.88 -5.19
CA LYS A 201 6.59 -5.49 -4.75
C LYS A 201 7.63 -5.41 -3.62
N PHE A 202 7.50 -6.24 -2.60
CA PHE A 202 8.37 -6.19 -1.42
C PHE A 202 9.85 -6.51 -1.73
N ILE A 205 11.55 -3.47 -3.54
CA ILE A 205 11.79 -2.33 -2.66
C ILE A 205 12.72 -2.71 -1.50
N SER A 206 12.67 -3.97 -1.07
CA SER A 206 13.65 -4.48 -0.12
C SER A 206 15.05 -4.34 -0.75
N VAL A 207 15.30 -5.02 -1.86
CA VAL A 207 16.66 -4.97 -2.45
C VAL A 207 17.09 -3.53 -2.72
N THR A 208 16.23 -2.75 -3.37
CA THR A 208 16.52 -1.37 -3.76
C THR A 208 16.79 -0.47 -2.55
N ALA A 209 15.91 -0.53 -1.56
CA ALA A 209 16.10 0.23 -0.33
C ALA A 209 17.40 -0.16 0.37
N THR A 210 17.61 -1.45 0.64
CA THR A 210 18.82 -1.83 1.35
C THR A 210 20.11 -1.49 0.58
N ALA A 211 20.14 -1.80 -0.72
CA ALA A 211 21.31 -1.54 -1.58
C ALA A 211 21.69 -0.07 -1.72
N THR A 212 20.70 0.81 -2.01
CA THR A 212 20.97 2.26 -2.09
C THR A 212 21.26 2.88 -0.71
N ALA A 213 20.82 2.23 0.36
CA ALA A 213 21.05 2.73 1.72
C ALA A 213 22.43 2.34 2.26
N TYR A 214 22.87 1.12 1.95
CA TYR A 214 24.21 0.71 2.33
C TYR A 214 25.25 1.38 1.43
N PHE A 215 25.04 1.35 0.12
CA PHE A 215 26.03 1.93 -0.81
C PHE A 215 26.03 3.47 -0.89
N ASP A 216 24.97 4.10 -0.36
CA ASP A 216 24.82 5.56 -0.36
C ASP A 216 24.87 6.11 -1.80
N LYS A 217 24.17 5.41 -2.70
CA LYS A 217 24.28 5.62 -4.14
C LYS A 217 22.93 5.43 -4.82
N PRO A 218 22.70 6.08 -5.98
CA PRO A 218 21.45 5.76 -6.71
C PRO A 218 21.54 4.40 -7.41
N ILE A 219 20.39 3.81 -7.72
CA ILE A 219 20.29 2.43 -8.22
C ILE A 219 21.04 2.19 -9.55
N GLY A 220 20.97 3.17 -10.46
CA GLY A 220 21.64 3.08 -11.75
C GLY A 220 23.15 3.08 -11.62
N SER A 221 23.64 3.57 -10.49
CA SER A 221 25.06 3.57 -10.19
C SER A 221 25.42 2.27 -9.45
N ILE A 222 24.40 1.66 -8.86
CA ILE A 222 24.49 0.35 -8.22
C ILE A 222 24.55 -0.74 -9.30
N LEU A 223 23.76 -0.57 -10.36
CA LEU A 223 23.76 -1.50 -11.48
C LEU A 223 25.13 -1.66 -12.11
N THR A 224 25.79 -0.53 -12.38
CA THR A 224 27.04 -0.52 -13.12
C THR A 224 28.21 -1.02 -12.27
N GLU A 225 28.27 -0.58 -11.02
CA GLU A 225 29.44 -0.84 -10.19
C GLU A 225 29.26 -1.96 -9.18
N HIS A 226 28.00 -2.28 -8.84
CA HIS A 226 27.76 -3.24 -7.76
C HIS A 226 26.78 -4.35 -8.13
N GLU A 227 26.87 -4.80 -9.39
CA GLU A 227 25.96 -5.79 -9.94
C GLU A 227 26.05 -7.14 -9.23
N PRO A 228 27.27 -7.67 -9.00
CA PRO A 228 27.36 -8.87 -8.15
C PRO A 228 26.60 -8.76 -6.84
N GLU A 229 26.79 -7.67 -6.10
CA GLU A 229 26.15 -7.47 -4.82
C GLU A 229 24.64 -7.39 -5.02
N LEU A 230 24.23 -6.62 -6.01
CA LEU A 230 22.81 -6.44 -6.32
C LEU A 230 22.16 -7.79 -6.56
N LEU A 231 22.78 -8.60 -7.40
CA LEU A 231 22.35 -9.96 -7.70
C LEU A 231 22.35 -10.89 -6.48
N SER A 232 23.36 -10.75 -5.63
CA SER A 232 23.37 -11.47 -4.36
C SER A 232 22.12 -11.16 -3.52
N LEU A 233 21.69 -9.91 -3.50
CA LEU A 233 20.47 -9.50 -2.76
C LEU A 233 19.21 -10.09 -3.40
N LEU A 234 19.16 -10.06 -4.72
CA LEU A 234 18.04 -10.61 -5.49
C LEU A 234 17.86 -12.11 -5.22
N GLU A 235 18.97 -12.84 -5.24
CA GLU A 235 18.98 -14.29 -5.02
C GLU A 235 18.60 -14.65 -3.59
N GLU A 236 19.05 -13.82 -2.65
CA GLU A 236 18.81 -14.03 -1.23
C GLU A 236 17.32 -13.87 -0.86
N VAL A 237 16.74 -12.71 -1.18
CA VAL A 237 15.33 -12.44 -0.97
C VAL A 237 14.46 -13.48 -1.70
N ALA A 238 14.90 -13.90 -2.89
CA ALA A 238 14.19 -14.88 -3.69
C ALA A 238 14.24 -16.26 -3.03
N GLU A 239 15.43 -16.63 -2.54
CA GLU A 239 15.62 -17.86 -1.75
C GLU A 239 14.76 -17.85 -0.49
N LEU A 240 14.72 -16.71 0.21
CA LEU A 240 13.90 -16.55 1.43
C LEU A 240 12.45 -16.91 1.14
N PHE A 241 11.89 -16.24 0.13
CA PHE A 241 10.51 -16.42 -0.24
C PHE A 241 10.23 -17.81 -0.78
N ARG A 242 11.17 -18.32 -1.60
CA ARG A 242 11.12 -19.69 -2.11
C ARG A 242 11.05 -20.71 -0.98
N ALA A 243 11.54 -20.33 0.20
CA ALA A 243 11.48 -21.19 1.38
C ALA A 243 10.14 -21.14 2.13
N LYS A 244 9.63 -19.93 2.39
CA LYS A 244 8.44 -19.80 3.26
C LYS A 244 7.09 -19.93 2.58
N TYR A 245 6.93 -19.34 1.39
CA TYR A 245 5.71 -19.52 0.61
C TYR A 245 5.88 -20.67 -0.40
N GLY A 246 6.72 -21.64 -0.04
CA GLY A 246 6.79 -22.96 -0.68
C GLY A 246 7.11 -23.06 -2.16
N GLN A 247 6.68 -22.06 -2.93
CA GLN A 247 6.71 -22.10 -4.40
C GLN A 247 7.65 -21.03 -4.96
N VAL A 248 7.10 -19.84 -5.21
CA VAL A 248 7.87 -18.63 -5.59
C VAL A 248 8.61 -18.76 -6.92
N PRO A 249 7.96 -18.30 -8.02
CA PRO A 249 8.29 -18.43 -9.45
C PRO A 249 9.74 -18.78 -9.83
N ASP A 250 10.15 -18.34 -11.03
CA ASP A 250 11.54 -18.45 -11.50
C ASP A 250 11.70 -17.62 -12.77
N ASP A 251 12.94 -17.22 -13.07
CA ASP A 251 13.20 -16.03 -13.87
C ASP A 251 12.70 -14.86 -13.02
N VAL A 252 12.53 -15.14 -11.73
CA VAL A 252 12.04 -14.18 -10.73
C VAL A 252 13.14 -13.18 -10.35
N VAL A 253 14.31 -13.71 -9.97
CA VAL A 253 15.55 -12.93 -9.81
C VAL A 253 15.81 -12.08 -11.06
N GLN A 254 15.72 -12.72 -12.23
CA GLN A 254 15.87 -12.06 -13.53
C GLN A 254 14.79 -11.01 -13.81
N GLN A 255 13.53 -11.38 -13.55
CA GLN A 255 12.38 -10.49 -13.74
C GLN A 255 12.55 -9.22 -12.89
N LEU A 256 12.90 -9.42 -11.61
CA LEU A 256 13.25 -8.32 -10.71
C LEU A 256 14.45 -7.53 -11.20
N LEU A 257 15.50 -8.24 -11.62
CA LEU A 257 16.75 -7.63 -12.08
C LEU A 257 16.55 -6.59 -13.19
N ASP A 258 15.82 -6.97 -14.24
CA ASP A 258 15.68 -6.12 -15.42
C ASP A 258 14.92 -4.82 -15.13
N LYS A 259 13.88 -4.92 -14.30
CA LYS A 259 13.08 -3.77 -13.85
C LYS A 259 13.93 -2.66 -13.19
N GLN A 260 14.95 -3.08 -12.45
CA GLN A 260 15.95 -2.17 -11.86
C GLN A 260 16.71 -1.34 -12.92
N ARG A 261 16.92 -1.93 -14.10
CA ARG A 261 17.69 -1.27 -15.19
C ARG A 261 16.93 -0.08 -15.81
N LYS A 262 15.60 -0.17 -15.83
CA LYS A 262 14.71 0.83 -16.46
C LYS A 262 14.24 1.92 -15.49
N GLU A 284 12.58 0.75 9.03
CA GLU A 284 13.60 0.05 8.27
C GLU A 284 13.48 -1.45 8.46
N THR A 285 12.45 -2.00 7.82
CA THR A 285 12.21 -3.45 7.83
C THR A 285 11.84 -3.88 6.39
N LEU A 286 12.50 -3.21 5.46
CA LEU A 286 12.69 -3.71 4.13
C LEU A 286 13.99 -4.52 4.19
N THR A 287 14.63 -4.49 5.37
CA THR A 287 15.91 -5.16 5.63
C THR A 287 15.79 -6.11 6.83
N GLY A 288 15.41 -5.58 7.99
CA GLY A 288 15.33 -6.36 9.23
C GLY A 288 14.46 -7.59 9.11
N TYR A 289 13.32 -7.44 8.43
CA TYR A 289 12.36 -8.52 8.23
C TYR A 289 13.03 -9.74 7.60
N VAL A 290 13.69 -9.48 6.46
CA VAL A 290 14.43 -10.45 5.65
C VAL A 290 15.45 -11.25 6.48
N VAL A 291 16.35 -10.56 7.18
CA VAL A 291 17.31 -11.22 8.07
C VAL A 291 16.64 -12.20 9.07
N ARG A 292 15.57 -11.73 9.71
CA ARG A 292 14.93 -12.53 10.73
C ARG A 292 14.10 -13.67 10.20
N GLU A 293 13.42 -13.46 9.08
CA GLU A 293 12.66 -14.52 8.44
C GLU A 293 13.55 -15.71 8.01
N ALA A 294 14.71 -15.41 7.39
CA ALA A 294 15.74 -16.45 7.10
C ALA A 294 16.32 -17.17 8.34
N GLU A 295 16.57 -16.45 9.43
CA GLU A 295 16.84 -17.08 10.73
C GLU A 295 15.89 -18.26 10.98
N ALA A 296 14.60 -18.01 10.68
CA ALA A 296 13.51 -18.91 11.07
C ALA A 296 13.32 -20.07 10.09
N LEU A 297 13.54 -19.78 8.81
CA LEU A 297 13.46 -20.79 7.73
C LEU A 297 14.82 -21.45 7.50
N ARG A 298 15.72 -21.27 8.48
CA ARG A 298 17.13 -21.70 8.43
C ARG A 298 17.88 -21.51 7.10
N VAL A 299 17.82 -20.27 6.59
CA VAL A 299 18.47 -19.89 5.32
C VAL A 299 19.58 -18.84 5.56
N ASP A 300 20.78 -19.17 5.11
CA ASP A 300 21.89 -18.21 5.21
C ASP A 300 21.75 -17.13 4.14
N LEU A 301 21.75 -15.87 4.57
CA LEU A 301 21.72 -14.73 3.66
C LEU A 301 22.82 -13.77 4.07
N PRO A 302 24.07 -14.05 3.63
CA PRO A 302 25.23 -13.25 4.03
C PRO A 302 25.19 -11.77 3.61
N TYR A 304 22.53 -9.70 2.81
CA TYR A 304 21.56 -9.01 3.64
C TYR A 304 22.07 -8.79 5.06
N LYS A 305 22.72 -9.81 5.65
CA LYS A 305 23.22 -9.73 7.01
C LYS A 305 24.37 -8.74 7.17
N ARG A 306 25.29 -8.74 6.20
CA ARG A 306 26.38 -7.75 6.13
C ARG A 306 25.76 -6.35 6.03
N TYR A 308 22.48 -5.22 6.67
CA TYR A 308 21.64 -4.84 7.82
C TYR A 308 22.48 -4.41 9.01
N ARG A 309 23.27 -5.37 9.50
CA ARG A 309 24.12 -5.21 10.68
C ARG A 309 25.06 -4.01 10.59
N GLU A 310 25.71 -3.86 9.44
CA GLU A 310 26.83 -2.91 9.29
C GLU A 310 26.43 -1.50 8.78
N LEU A 311 25.12 -1.24 8.76
CA LEU A 311 24.58 0.14 8.80
C LEU A 311 23.33 0.35 9.67
N VAL A 312 23.05 -0.63 10.54
CA VAL A 312 22.31 -0.37 11.78
C VAL A 312 23.31 0.36 12.70
N SER A 313 24.59 0.29 12.32
CA SER A 313 25.66 1.05 12.96
C SER A 313 25.67 2.49 12.42
#